data_3OOO
#
_entry.id   3OOO
#
_cell.length_a   43.744
_cell.length_b   58.325
_cell.length_c   101.995
_cell.angle_alpha   90.00
_cell.angle_beta   90.00
_cell.angle_gamma   90.00
#
_symmetry.space_group_name_H-M   'P 21 21 21'
#
loop_
_entity.id
_entity.type
_entity.pdbx_description
1 polymer 'Proline dipeptidase'
2 water water
#
_entity_poly.entity_id   1
_entity_poly.type   'polypeptide(L)'
_entity_poly.pdbx_seq_one_letter_code
;A(MSE)SKLNRIRHHLHSVQAELAVFSDPVTVNYLTGFFCDPHERQ(MSE)FLFVYEDRDPILFVPALEVSRAKQSVPFP
VFGYIDSENPWQKIASNLPSFSVSKVLAEFDNLNVTKFQGLQTVFDGHFENLTPYIQN(MSE)R
;
_entity_poly.pdbx_strand_id   A,B
#
# COMPACT_ATOMS: atom_id res chain seq x y z
N ALA A 1 21.31 -13.87 5.40
CA ALA A 1 21.08 -12.47 4.93
C ALA A 1 19.65 -12.05 5.22
N MSE A 2 18.70 -12.71 4.55
CA MSE A 2 17.28 -12.60 4.84
C MSE A 2 16.86 -13.66 5.86
O MSE A 2 15.69 -13.75 6.22
CB MSE A 2 16.45 -12.78 3.57
CG MSE A 2 16.38 -11.54 2.69
SE MSE A 2 15.26 -10.13 3.45
CE MSE A 2 13.54 -11.06 3.49
N SER A 3 17.83 -14.44 6.32
CA SER A 3 17.59 -15.56 7.24
C SER A 3 16.83 -15.17 8.50
N LYS A 4 17.29 -14.12 9.18
CA LYS A 4 16.67 -13.65 10.42
C LYS A 4 15.26 -13.14 10.16
N LEU A 5 15.11 -12.34 9.11
CA LEU A 5 13.80 -11.78 8.78
C LEU A 5 12.80 -12.84 8.34
N ASN A 6 13.27 -13.83 7.58
CA ASN A 6 12.43 -14.98 7.20
C ASN A 6 11.95 -15.76 8.43
N ARG A 7 12.86 -15.98 9.38
CA ARG A 7 12.50 -16.64 10.63
C ARG A 7 11.45 -15.88 11.44
N ILE A 8 11.61 -14.56 11.53
CA ILE A 8 10.62 -13.72 12.21
C ILE A 8 9.26 -13.83 11.54
N ARG A 9 9.26 -13.78 10.20
CA ARG A 9 8.03 -13.91 9.43
CA ARG A 9 8.03 -13.91 9.42
C ARG A 9 7.30 -15.22 9.72
N HIS A 10 8.05 -16.32 9.73
CA HIS A 10 7.45 -17.63 10.02
C HIS A 10 6.96 -17.71 11.47
N HIS A 11 7.71 -17.07 12.38
CA HIS A 11 7.33 -17.03 13.78
C HIS A 11 6.00 -16.31 14.01
N LEU A 12 5.74 -15.28 13.21
CA LEU A 12 4.46 -14.59 13.29
C LEU A 12 3.29 -15.55 13.07
N HIS A 13 3.49 -16.57 12.25
CA HIS A 13 2.45 -17.61 12.05
C HIS A 13 2.15 -18.38 13.34
N SER A 14 3.17 -18.63 14.16
N SER A 14 3.17 -18.59 14.18
CA SER A 14 3.02 -19.38 15.40
CA SER A 14 3.04 -19.37 15.41
C SER A 14 2.14 -18.66 16.42
C SER A 14 2.46 -18.59 16.59
N VAL A 15 2.08 -17.33 16.31
N VAL A 15 2.64 -17.28 16.61
CA VAL A 15 1.28 -16.52 17.20
CA VAL A 15 2.06 -16.46 17.67
C VAL A 15 0.14 -15.85 16.44
C VAL A 15 0.80 -15.74 17.23
N GLN A 16 -0.67 -15.06 17.15
N GLN A 16 0.45 -15.88 15.95
CA GLN A 16 -1.80 -14.39 16.52
CA GLN A 16 -0.82 -15.37 15.45
C GLN A 16 -1.39 -13.10 15.82
C GLN A 16 -0.80 -13.88 15.14
N ALA A 17 -0.09 -12.92 15.59
N ALA A 17 0.36 -13.25 15.24
CA ALA A 17 0.42 -11.67 15.02
CA ALA A 17 0.48 -11.82 14.94
C ALA A 17 0.51 -11.67 13.50
C ALA A 17 0.64 -11.62 13.45
N GLU A 18 0.00 -10.60 12.89
CA GLU A 18 0.07 -10.39 11.45
C GLU A 18 1.27 -9.54 11.07
N LEU A 19 1.85 -8.86 12.06
CA LEU A 19 2.86 -7.85 11.80
C LEU A 19 3.77 -7.66 13.00
N ALA A 20 5.06 -7.46 12.73
CA ALA A 20 6.00 -6.97 13.72
C ALA A 20 6.60 -5.66 13.22
N VAL A 21 6.72 -4.71 14.13
CA VAL A 21 7.25 -3.39 13.79
C VAL A 21 8.52 -3.16 14.61
N PHE A 22 9.65 -3.07 13.92
CA PHE A 22 10.94 -2.83 14.59
C PHE A 22 11.33 -1.37 14.49
N SER A 23 11.85 -0.83 15.59
CA SER A 23 12.18 0.59 15.65
C SER A 23 13.56 0.87 16.25
N ASP A 24 14.09 -0.09 17.00
CA ASP A 24 15.39 0.09 17.65
C ASP A 24 16.49 0.06 16.58
N PRO A 25 17.28 1.16 16.47
CA PRO A 25 18.36 1.21 15.47
C PRO A 25 19.30 0.01 15.55
N VAL A 26 19.55 -0.48 16.76
CA VAL A 26 20.41 -1.65 16.96
C VAL A 26 19.75 -2.91 16.40
N THR A 27 18.46 -3.08 16.68
CA THR A 27 17.70 -4.23 16.19
C THR A 27 17.60 -4.21 14.66
N VAL A 28 17.24 -3.06 14.11
CA VAL A 28 17.13 -2.91 12.66
C VAL A 28 18.45 -3.22 11.97
N ASN A 29 19.55 -2.74 12.55
CA ASN A 29 20.88 -3.03 12.01
C ASN A 29 21.23 -4.52 12.10
N TYR A 30 20.88 -5.15 13.22
CA TYR A 30 21.07 -6.59 13.38
C TYR A 30 20.32 -7.38 12.30
N LEU A 31 19.11 -6.92 11.97
CA LEU A 31 18.25 -7.61 11.03
C LEU A 31 18.57 -7.34 9.55
N THR A 32 19.20 -6.20 9.26
CA THR A 32 19.32 -5.71 7.88
C THR A 32 20.70 -5.24 7.44
N GLY A 33 21.55 -4.89 8.40
CA GLY A 33 22.84 -4.26 8.11
C GLY A 33 22.77 -2.76 7.88
N PHE A 34 21.57 -2.20 8.01
CA PHE A 34 21.36 -0.76 7.87
C PHE A 34 21.20 -0.14 9.26
N PHE A 35 22.12 0.77 9.60
CA PHE A 35 22.03 1.52 10.84
C PHE A 35 21.60 2.96 10.62
N CYS A 36 20.52 3.34 11.30
CA CYS A 36 20.10 4.73 11.37
C CYS A 36 19.42 4.95 12.71
N ASP A 37 19.87 5.98 13.44
CA ASP A 37 19.10 6.43 14.59
C ASP A 37 18.43 7.75 14.22
N PRO A 38 17.11 7.71 13.98
CA PRO A 38 16.42 8.91 13.50
C PRO A 38 16.06 9.88 14.63
N HIS A 39 16.30 9.47 15.87
CA HIS A 39 15.92 10.27 17.04
C HIS A 39 14.42 10.63 17.03
N GLU A 40 14.08 11.91 16.88
CA GLU A 40 12.67 12.34 16.88
C GLU A 40 11.93 11.97 15.60
N ARG A 41 12.68 11.87 14.49
CA ARG A 41 12.10 11.48 13.22
C ARG A 41 11.79 9.98 13.25
N GLN A 42 11.09 9.51 12.21
CA GLN A 42 10.60 8.14 12.20
C GLN A 42 11.40 7.18 11.33
N MSE A 43 11.67 6.02 11.91
CA MSE A 43 12.31 4.85 11.34
CA MSE A 43 11.90 4.84 11.08
C MSE A 43 11.40 3.62 11.75
O MSE A 43 11.34 3.42 12.96
CB MSE A 43 13.73 4.72 12.03
CB MSE A 43 13.33 4.61 10.53
CG MSE A 43 15.10 4.70 11.17
CG MSE A 43 13.61 3.13 9.98
SE MSE A 43 15.91 2.91 10.80
SE MSE A 43 14.02 1.77 11.35
CE MSE A 43 16.20 2.36 12.66
CE MSE A 43 13.83 0.19 10.26
N PHE A 44 10.81 2.83 10.85
CA PHE A 44 10.18 1.57 11.24
C PHE A 44 10.49 0.52 10.18
N LEU A 45 10.75 -0.69 10.63
CA LEU A 45 10.84 -1.84 9.75
C LEU A 45 9.59 -2.68 9.96
N PHE A 46 8.76 -2.77 8.92
CA PHE A 46 7.51 -3.49 8.98
C PHE A 46 7.70 -4.89 8.43
N VAL A 47 7.54 -5.89 9.30
CA VAL A 47 7.71 -7.29 8.93
C VAL A 47 6.35 -7.96 8.94
N TYR A 48 5.81 -8.18 7.74
CA TYR A 48 4.53 -8.84 7.57
C TYR A 48 4.72 -10.35 7.57
N GLU A 49 3.64 -11.06 7.88
CA GLU A 49 3.62 -12.52 7.90
C GLU A 49 3.68 -13.13 6.49
N ASP A 50 3.33 -12.36 5.47
CA ASP A 50 3.00 -12.92 4.15
C ASP A 50 3.68 -12.26 2.95
N ARG A 51 4.67 -11.41 3.19
CA ARG A 51 5.36 -10.71 2.12
C ARG A 51 6.72 -10.20 2.59
N ASP A 52 7.50 -9.62 1.66
CA ASP A 52 8.78 -9.04 2.02
C ASP A 52 8.61 -7.87 2.98
N PRO A 53 9.61 -7.64 3.85
CA PRO A 53 9.56 -6.50 4.76
C PRO A 53 9.52 -5.17 4.02
N ILE A 54 9.10 -4.13 4.72
CA ILE A 54 9.09 -2.77 4.17
C ILE A 54 9.74 -1.85 5.18
N LEU A 55 10.72 -1.07 4.72
CA LEU A 55 11.45 -0.14 5.58
C LEU A 55 11.00 1.30 5.32
N PHE A 56 10.65 2.01 6.40
CA PHE A 56 10.25 3.41 6.33
C PHE A 56 11.31 4.23 7.03
N VAL A 57 11.83 5.26 6.37
CA VAL A 57 12.89 6.10 6.94
C VAL A 57 12.66 7.57 6.62
N PRO A 58 13.39 8.48 7.29
CA PRO A 58 13.32 9.86 6.81
C PRO A 58 13.84 9.94 5.37
N ALA A 59 13.28 10.86 4.59
CA ALA A 59 13.60 10.94 3.15
C ALA A 59 15.08 11.04 2.85
N LEU A 60 15.83 11.71 3.71
CA LEU A 60 17.26 11.85 3.49
C LEU A 60 18.01 10.53 3.54
N GLU A 61 17.40 9.52 4.18
CA GLU A 61 18.04 8.21 4.36
CA GLU A 61 18.03 8.21 4.37
C GLU A 61 17.57 7.16 3.34
N VAL A 62 16.61 7.52 2.50
CA VAL A 62 16.06 6.56 1.54
C VAL A 62 17.11 5.95 0.62
N SER A 63 17.97 6.79 0.05
CA SER A 63 19.01 6.32 -0.88
CA SER A 63 19.00 6.32 -0.88
C SER A 63 19.94 5.32 -0.19
N ARG A 64 20.45 5.69 0.98
CA ARG A 64 21.32 4.81 1.74
C ARG A 64 20.63 3.50 2.13
N ALA A 65 19.37 3.60 2.53
CA ALA A 65 18.59 2.40 2.88
C ALA A 65 18.44 1.45 1.70
N LYS A 66 18.15 2.01 0.52
CA LYS A 66 17.96 1.23 -0.70
C LYS A 66 19.26 0.54 -1.15
N GLN A 67 20.40 1.12 -0.77
CA GLN A 67 21.69 0.51 -1.05
C GLN A 67 22.01 -0.61 -0.06
N SER A 68 21.22 -0.69 1.00
CA SER A 68 21.48 -1.62 2.10
CA SER A 68 21.49 -1.62 2.10
C SER A 68 20.52 -2.79 2.16
N VAL A 69 19.26 -2.56 1.76
CA VAL A 69 18.23 -3.61 1.81
C VAL A 69 17.62 -3.89 0.43
N PRO A 70 17.24 -5.16 0.17
CA PRO A 70 16.72 -5.54 -1.14
C PRO A 70 15.19 -5.41 -1.28
N PHE A 71 14.52 -5.13 -0.17
CA PHE A 71 13.06 -5.03 -0.12
C PHE A 71 12.59 -3.57 -0.16
N PRO A 72 11.26 -3.33 -0.27
CA PRO A 72 10.80 -1.95 -0.46
C PRO A 72 11.17 -0.97 0.65
N VAL A 73 11.52 0.24 0.23
CA VAL A 73 11.85 1.34 1.12
C VAL A 73 11.04 2.55 0.72
N PHE A 74 10.49 3.26 1.71
CA PHE A 74 9.89 4.56 1.43
C PHE A 74 10.20 5.54 2.55
N GLY A 75 9.93 6.81 2.30
CA GLY A 75 10.32 7.84 3.25
C GLY A 75 9.39 9.03 3.24
N TYR A 76 9.72 10.00 4.09
CA TYR A 76 8.94 11.22 4.21
C TYR A 76 9.86 12.41 4.44
N ILE A 77 9.52 13.53 3.81
CA ILE A 77 10.20 14.79 4.06
C ILE A 77 9.55 15.49 5.26
N ASP A 78 10.21 16.51 5.78
CA ASP A 78 9.79 17.10 7.06
C ASP A 78 8.43 17.78 7.03
N SER A 79 7.99 18.20 5.84
CA SER A 79 6.68 18.81 5.67
C SER A 79 5.54 17.79 5.60
N GLU A 80 5.89 16.51 5.54
CA GLU A 80 4.89 15.44 5.48
C GLU A 80 4.62 14.84 6.85
N ASN A 81 3.37 14.48 7.08
CA ASN A 81 2.96 13.75 8.26
C ASN A 81 3.36 12.29 8.07
N PRO A 82 4.30 11.79 8.90
CA PRO A 82 4.80 10.43 8.67
C PRO A 82 3.73 9.36 8.89
N TRP A 83 2.80 9.62 9.81
CA TRP A 83 1.74 8.66 10.10
C TRP A 83 0.79 8.52 8.92
N GLN A 84 0.45 9.63 8.29
CA GLN A 84 -0.35 9.64 7.07
CA GLN A 84 -0.36 9.61 7.08
C GLN A 84 0.40 8.95 5.93
N LYS A 85 1.72 9.20 5.86
CA LYS A 85 2.56 8.59 4.84
CA LYS A 85 2.55 8.59 4.84
C LYS A 85 2.55 7.07 4.97
N ILE A 86 2.70 6.59 6.20
CA ILE A 86 2.66 5.15 6.46
C ILE A 86 1.29 4.58 6.07
N ALA A 87 0.23 5.26 6.49
CA ALA A 87 -1.14 4.81 6.24
C ALA A 87 -1.49 4.73 4.76
N SER A 88 -0.91 5.61 3.95
CA SER A 88 -1.21 5.69 2.52
CA SER A 88 -1.22 5.67 2.52
C SER A 88 -0.33 4.76 1.70
N ASN A 89 0.76 4.28 2.29
CA ASN A 89 1.71 3.47 1.53
C ASN A 89 1.84 2.00 1.87
N LEU A 90 1.64 1.64 3.13
CA LEU A 90 1.64 0.22 3.48
C LEU A 90 0.49 -0.51 2.79
N PRO A 91 0.72 -1.78 2.39
CA PRO A 91 -0.26 -2.51 1.59
C PRO A 91 -1.41 -3.12 2.39
N SER A 92 -1.24 -3.29 3.69
CA SER A 92 -2.25 -3.97 4.51
C SER A 92 -2.33 -3.43 5.93
N PHE A 93 -3.56 -3.30 6.43
CA PHE A 93 -3.82 -2.86 7.80
C PHE A 93 -4.82 -3.77 8.51
N SER A 94 -5.25 -4.83 7.83
CA SER A 94 -6.13 -5.84 8.44
C SER A 94 -5.36 -6.60 9.52
N VAL A 95 -5.23 -5.98 10.70
CA VAL A 95 -4.46 -6.56 11.80
C VAL A 95 -5.31 -6.77 13.05
N SER A 96 -4.87 -7.71 13.87
CA SER A 96 -5.47 -7.94 15.17
C SER A 96 -4.42 -7.83 16.26
N LYS A 97 -3.21 -8.32 15.97
CA LYS A 97 -2.11 -8.28 16.91
C LYS A 97 -0.83 -7.83 16.22
N VAL A 98 -0.21 -6.79 16.77
CA VAL A 98 1.05 -6.26 16.24
C VAL A 98 2.12 -6.39 17.31
N LEU A 99 3.26 -6.97 16.95
CA LEU A 99 4.41 -7.02 17.84
C LEU A 99 5.26 -5.77 17.63
N ALA A 100 5.71 -5.16 18.73
CA ALA A 100 6.56 -3.98 18.65
C ALA A 100 7.64 -4.03 19.74
N GLU A 101 8.65 -3.18 19.63
CA GLU A 101 9.76 -3.17 20.59
C GLU A 101 9.49 -2.22 21.74
N PHE A 102 8.76 -2.72 22.74
CA PHE A 102 8.33 -1.90 23.86
C PHE A 102 9.48 -1.32 24.69
N ASP A 103 10.64 -1.97 24.67
CA ASP A 103 11.83 -1.47 25.37
C ASP A 103 12.53 -0.29 24.68
N ASN A 104 12.17 -0.05 23.42
CA ASN A 104 12.79 1.02 22.62
C ASN A 104 11.79 2.09 22.22
N LEU A 105 10.62 1.64 21.79
CA LEU A 105 9.62 2.53 21.23
C LEU A 105 9.12 3.49 22.30
N ASN A 106 9.23 4.79 22.04
CA ASN A 106 8.70 5.76 22.99
C ASN A 106 7.18 5.93 22.87
N VAL A 107 6.58 6.59 23.85
CA VAL A 107 5.12 6.71 23.87
C VAL A 107 4.59 7.51 22.68
N THR A 108 5.30 8.58 22.32
CA THR A 108 4.90 9.38 21.17
C THR A 108 4.78 8.52 19.92
N LYS A 109 5.80 7.71 19.68
CA LYS A 109 5.83 6.88 18.48
C LYS A 109 4.82 5.73 18.55
N PHE A 110 4.63 5.19 19.74
CA PHE A 110 3.62 4.17 19.99
C PHE A 110 2.24 4.71 19.66
N GLN A 111 1.94 5.90 20.15
CA GLN A 111 0.64 6.50 19.88
C GLN A 111 0.46 6.81 18.40
N GLY A 112 1.55 7.21 17.73
CA GLY A 112 1.52 7.37 16.28
C GLY A 112 1.14 6.08 15.56
N LEU A 113 1.80 4.98 15.93
CA LEU A 113 1.50 3.69 15.31
C LEU A 113 0.05 3.26 15.54
N GLN A 114 -0.49 3.61 16.72
CA GLN A 114 -1.88 3.29 17.04
C GLN A 114 -2.89 4.02 16.15
N THR A 115 -2.49 5.16 15.57
CA THR A 115 -3.36 5.87 14.62
C THR A 115 -3.41 5.17 13.26
N VAL A 116 -2.41 4.33 13.01
CA VAL A 116 -2.26 3.62 11.74
C VAL A 116 -2.87 2.22 11.80
N PHE A 117 -2.60 1.51 12.90
CA PHE A 117 -3.05 0.13 13.03
C PHE A 117 -4.10 0.01 14.13
N ASP A 118 -5.27 -0.49 13.76
CA ASP A 118 -6.34 -0.79 14.72
CA ASP A 118 -6.32 -0.78 14.74
C ASP A 118 -6.22 -2.25 15.17
N GLY A 119 -5.30 -2.49 16.09
CA GLY A 119 -5.08 -3.82 16.63
C GLY A 119 -4.45 -3.71 18.00
N HIS A 120 -4.32 -4.84 18.67
CA HIS A 120 -3.65 -4.87 19.98
C HIS A 120 -2.15 -4.98 19.78
N PHE A 121 -1.42 -4.06 20.41
CA PHE A 121 0.02 -4.09 20.39
C PHE A 121 0.56 -4.82 21.61
N GLU A 122 1.56 -5.66 21.39
CA GLU A 122 2.31 -6.23 22.49
C GLU A 122 3.80 -6.25 22.20
N ASN A 123 4.59 -6.45 23.25
CA ASN A 123 6.05 -6.51 23.12
C ASN A 123 6.46 -7.72 22.32
N LEU A 124 7.68 -7.67 21.77
CA LEU A 124 8.27 -8.80 21.09
C LEU A 124 8.18 -10.05 21.96
N THR A 125 7.99 -11.19 21.31
CA THR A 125 7.96 -12.48 21.98
C THR A 125 9.38 -12.86 22.41
N PRO A 126 9.51 -13.78 23.39
CA PRO A 126 10.84 -14.25 23.76
C PRO A 126 11.67 -14.76 22.59
N TYR A 127 11.02 -15.45 21.64
CA TYR A 127 11.73 -15.96 20.46
C TYR A 127 12.46 -14.86 19.69
N ILE A 128 11.77 -13.75 19.43
CA ILE A 128 12.38 -12.63 18.72
C ILE A 128 13.43 -11.93 19.62
N GLN A 129 13.08 -11.74 20.89
CA GLN A 129 13.97 -11.09 21.86
C GLN A 129 15.33 -11.78 21.96
N ASN A 130 15.30 -13.11 21.98
CA ASN A 130 16.48 -13.91 22.28
C ASN A 130 17.28 -14.39 21.06
N MSE A 131 16.90 -13.93 19.86
CA MSE A 131 17.60 -14.33 18.64
CA MSE A 131 17.60 -14.33 18.65
C MSE A 131 18.99 -13.71 18.59
O MSE A 131 19.97 -14.40 18.27
CB MSE A 131 16.79 -13.94 17.39
CB MSE A 131 16.79 -13.94 17.40
CG MSE A 131 17.07 -14.80 16.16
CG MSE A 131 17.39 -14.47 16.11
SE MSE A 131 15.90 -14.43 14.64
SE MSE A 131 16.46 -13.85 14.53
CE MSE A 131 14.24 -14.21 15.62
CE MSE A 131 14.80 -14.87 14.72
N ARG A 132 19.09 -12.43 18.93
CA ARG A 132 20.37 -11.72 18.94
C ARG A 132 21.28 -12.20 20.06
N ALA B 1 -16.45 -11.43 -6.96
CA ALA B 1 -15.78 -10.16 -7.36
C ALA B 1 -14.28 -10.19 -7.07
N MSE B 2 -13.91 -10.66 -5.87
CA MSE B 2 -12.51 -10.73 -5.47
CA MSE B 2 -12.52 -10.76 -5.45
C MSE B 2 -11.77 -11.81 -6.26
O MSE B 2 -10.55 -11.73 -6.42
CB MSE B 2 -12.35 -10.94 -3.97
CB MSE B 2 -12.42 -11.09 -3.95
CG MSE B 2 -12.49 -9.67 -3.11
CG MSE B 2 -12.80 -9.95 -3.02
SE MSE B 2 -11.30 -8.19 -3.59
SE MSE B 2 -12.37 -8.17 -3.71
CE MSE B 2 -9.58 -9.08 -3.38
CE MSE B 2 -14.13 -7.66 -4.34
N SER B 3 -12.49 -12.81 -6.76
CA SER B 3 -11.91 -13.84 -7.62
C SER B 3 -11.32 -13.24 -8.90
N LYS B 4 -12.11 -12.39 -9.57
CA LYS B 4 -11.68 -11.71 -10.78
CA LYS B 4 -11.67 -11.72 -10.78
C LYS B 4 -10.54 -10.75 -10.50
N LEU B 5 -10.67 -9.99 -9.41
CA LEU B 5 -9.66 -9.01 -9.02
C LEU B 5 -8.35 -9.67 -8.59
N ASN B 6 -8.46 -10.82 -7.94
CA ASN B 6 -7.29 -11.62 -7.55
C ASN B 6 -6.52 -12.11 -8.79
N ARG B 7 -7.27 -12.61 -9.77
CA ARG B 7 -6.69 -13.06 -11.05
CA ARG B 7 -6.69 -13.06 -11.05
C ARG B 7 -5.95 -11.92 -11.75
N ILE B 8 -6.57 -10.74 -11.78
CA ILE B 8 -5.93 -9.57 -12.41
C ILE B 8 -4.65 -9.20 -11.67
N ARG B 9 -4.71 -9.19 -10.34
CA ARG B 9 -3.53 -8.88 -9.52
C ARG B 9 -2.35 -9.80 -9.85
N HIS B 10 -2.61 -11.10 -9.91
CA HIS B 10 -1.57 -12.07 -10.26
C HIS B 10 -1.03 -11.83 -11.67
N HIS B 11 -1.95 -11.58 -12.61
CA HIS B 11 -1.59 -11.31 -13.99
C HIS B 11 -0.69 -10.08 -14.12
N LEU B 12 -0.95 -9.05 -13.32
CA LEU B 12 -0.13 -7.83 -13.40
C LEU B 12 1.35 -8.12 -13.17
N HIS B 13 1.65 -8.99 -12.19
CA HIS B 13 3.03 -9.35 -11.91
C HIS B 13 3.67 -10.01 -13.13
N SER B 14 2.90 -10.85 -13.84
CA SER B 14 3.39 -11.60 -14.98
CA SER B 14 3.40 -11.60 -14.98
C SER B 14 3.75 -10.72 -16.18
N VAL B 15 3.13 -9.54 -16.25
CA VAL B 15 3.41 -8.60 -17.34
C VAL B 15 4.19 -7.37 -16.87
N GLN B 16 4.72 -7.45 -15.64
CA GLN B 16 5.55 -6.40 -15.05
CA GLN B 16 5.55 -6.40 -15.05
C GLN B 16 4.84 -5.05 -15.01
N ALA B 17 3.53 -5.08 -14.74
CA ALA B 17 2.75 -3.85 -14.55
C ALA B 17 2.45 -3.69 -13.06
N GLU B 18 2.60 -2.47 -12.57
CA GLU B 18 2.32 -2.19 -11.15
C GLU B 18 0.84 -1.95 -10.90
N LEU B 19 0.11 -1.63 -11.96
CA LEU B 19 -1.22 -1.08 -11.81
C LEU B 19 -2.07 -1.25 -13.06
N ALA B 20 -3.34 -1.55 -12.87
CA ALA B 20 -4.34 -1.43 -13.92
C ALA B 20 -5.41 -0.44 -13.46
N VAL B 21 -5.76 0.48 -14.35
CA VAL B 21 -6.75 1.51 -14.04
C VAL B 21 -8.00 1.24 -14.88
N PHE B 22 -9.10 0.94 -14.21
CA PHE B 22 -10.38 0.73 -14.90
C PHE B 22 -11.28 1.94 -14.78
N SER B 23 -11.84 2.35 -15.91
CA SER B 23 -12.64 3.57 -15.97
C SER B 23 -14.04 3.31 -16.55
N ASP B 24 -14.22 2.18 -17.22
CA ASP B 24 -15.50 1.85 -17.86
C ASP B 24 -16.47 1.35 -16.78
N PRO B 25 -17.61 2.04 -16.60
CA PRO B 25 -18.63 1.60 -15.63
C PRO B 25 -19.01 0.13 -15.81
N VAL B 26 -19.08 -0.33 -17.05
CA VAL B 26 -19.40 -1.74 -17.34
C VAL B 26 -18.32 -2.66 -16.77
N THR B 27 -17.05 -2.32 -17.01
CA THR B 27 -15.95 -3.14 -16.53
C THR B 27 -15.86 -3.11 -15.00
N VAL B 28 -15.99 -1.93 -14.41
CA VAL B 28 -15.95 -1.80 -12.96
C VAL B 28 -17.06 -2.64 -12.32
N ASN B 29 -18.25 -2.60 -12.91
CA ASN B 29 -19.37 -3.42 -12.42
C ASN B 29 -19.11 -4.92 -12.56
N TYR B 30 -18.55 -5.33 -13.69
CA TYR B 30 -18.19 -6.73 -13.91
C TYR B 30 -17.23 -7.22 -12.83
N LEU B 31 -16.30 -6.35 -12.44
CA LEU B 31 -15.25 -6.70 -11.48
C LEU B 31 -15.66 -6.60 -10.00
N THR B 32 -16.65 -5.77 -9.70
CA THR B 32 -16.97 -5.42 -8.30
C THR B 32 -18.43 -5.59 -7.90
N GLY B 33 -19.32 -5.64 -8.89
CA GLY B 33 -20.76 -5.61 -8.62
C GLY B 33 -21.29 -4.22 -8.32
N PHE B 34 -20.41 -3.22 -8.42
CA PHE B 34 -20.79 -1.83 -8.19
C PHE B 34 -20.90 -1.12 -9.53
N PHE B 35 -22.09 -0.62 -9.85
CA PHE B 35 -22.28 0.14 -11.09
C PHE B 35 -22.43 1.62 -10.82
N CYS B 36 -21.58 2.41 -11.45
CA CYS B 36 -21.66 3.86 -11.40
C CYS B 36 -21.19 4.44 -12.72
N ASP B 37 -22.07 5.18 -13.38
CA ASP B 37 -21.69 6.00 -14.52
C ASP B 37 -21.51 7.43 -14.03
N PRO B 38 -20.26 7.89 -13.92
CA PRO B 38 -19.98 9.22 -13.37
C PRO B 38 -20.23 10.34 -14.37
N HIS B 39 -20.52 9.97 -15.62
CA HIS B 39 -20.65 10.90 -16.74
C HIS B 39 -19.42 11.81 -16.85
N GLU B 40 -19.59 13.10 -16.58
CA GLU B 40 -18.49 14.07 -16.67
CA GLU B 40 -18.48 14.04 -16.68
C GLU B 40 -17.57 14.01 -15.45
N ARG B 41 -18.05 13.42 -14.36
CA ARG B 41 -17.25 13.29 -13.13
C ARG B 41 -16.24 12.16 -13.26
N GLN B 42 -15.35 12.04 -12.26
CA GLN B 42 -14.34 10.99 -12.28
C GLN B 42 -14.70 9.76 -11.46
N MSE B 43 -14.38 8.61 -12.03
CA MSE B 43 -14.41 7.34 -11.33
CA MSE B 43 -14.44 7.33 -11.33
C MSE B 43 -13.30 6.45 -11.87
O MSE B 43 -13.14 6.32 -13.08
CB MSE B 43 -15.76 6.64 -11.49
CB MSE B 43 -15.79 6.63 -11.57
CG MSE B 43 -15.86 5.31 -10.74
CG MSE B 43 -16.39 5.92 -10.36
SE MSE B 43 -17.38 4.23 -11.32
SE MSE B 43 -16.96 4.08 -10.68
CE MSE B 43 -16.73 3.72 -13.08
CE MSE B 43 -15.31 3.62 -11.59
N PHE B 44 -12.51 5.88 -10.96
CA PHE B 44 -11.48 4.93 -11.34
C PHE B 44 -11.42 3.80 -10.33
N LEU B 45 -11.24 2.58 -10.84
CA LEU B 45 -10.88 1.45 -9.98
C LEU B 45 -9.41 1.17 -10.21
N PHE B 46 -8.61 1.36 -9.17
CA PHE B 46 -7.18 1.15 -9.23
C PHE B 46 -6.86 -0.25 -8.72
N VAL B 47 -6.48 -1.13 -9.64
CA VAL B 47 -6.14 -2.51 -9.27
C VAL B 47 -4.62 -2.65 -9.27
N TYR B 48 -4.05 -2.73 -8.07
CA TYR B 48 -2.61 -2.80 -7.90
C TYR B 48 -2.08 -4.20 -7.95
N GLU B 49 -0.81 -4.33 -8.31
CA GLU B 49 -0.11 -5.60 -8.21
C GLU B 49 0.18 -5.95 -6.74
N ASP B 50 0.45 -4.93 -5.92
CA ASP B 50 1.03 -5.14 -4.58
C ASP B 50 0.06 -5.00 -3.39
N ARG B 51 -1.22 -4.77 -3.67
CA ARG B 51 -2.18 -4.49 -2.61
C ARG B 51 -3.59 -4.69 -3.12
N ASP B 52 -4.57 -4.63 -2.22
CA ASP B 52 -5.98 -4.69 -2.60
C ASP B 52 -6.36 -3.49 -3.48
N PRO B 53 -7.42 -3.64 -4.28
CA PRO B 53 -7.88 -2.52 -5.11
C PRO B 53 -8.29 -1.30 -4.31
N ILE B 54 -8.25 -0.14 -4.96
CA ILE B 54 -8.74 1.09 -4.38
C ILE B 54 -9.71 1.71 -5.37
N LEU B 55 -10.92 2.01 -4.90
CA LEU B 55 -11.94 2.61 -5.75
C LEU B 55 -12.10 4.09 -5.47
N PHE B 56 -12.04 4.89 -6.53
CA PHE B 56 -12.20 6.35 -6.44
C PHE B 56 -13.49 6.72 -7.16
N VAL B 57 -14.40 7.40 -6.45
CA VAL B 57 -15.71 7.78 -6.98
C VAL B 57 -16.06 9.23 -6.60
N PRO B 58 -17.09 9.80 -7.24
CA PRO B 58 -17.59 11.09 -6.75
C PRO B 58 -18.06 10.97 -5.31
N ALA B 59 -17.96 12.07 -4.54
CA ALA B 59 -18.29 12.06 -3.11
C ALA B 59 -19.65 11.46 -2.79
N LEU B 60 -20.65 11.75 -3.61
CA LEU B 60 -22.01 11.29 -3.36
C LEU B 60 -22.22 9.81 -3.66
N GLU B 61 -21.18 9.15 -4.18
CA GLU B 61 -21.22 7.71 -4.45
C GLU B 61 -20.36 6.89 -3.49
N VAL B 62 -19.59 7.56 -2.64
CA VAL B 62 -18.66 6.90 -1.73
C VAL B 62 -19.32 5.87 -0.82
N SER B 63 -20.41 6.26 -0.14
CA SER B 63 -21.07 5.38 0.81
CA SER B 63 -21.02 5.36 0.81
C SER B 63 -21.70 4.17 0.13
N ARG B 64 -22.30 4.39 -1.04
CA ARG B 64 -22.86 3.29 -1.81
C ARG B 64 -21.75 2.32 -2.24
N ALA B 65 -20.63 2.86 -2.70
CA ALA B 65 -19.49 2.04 -3.10
C ALA B 65 -18.97 1.20 -1.93
N LYS B 66 -18.89 1.80 -0.75
CA LYS B 66 -18.40 1.08 0.44
C LYS B 66 -19.27 -0.11 0.86
N GLN B 67 -20.56 -0.06 0.51
CA GLN B 67 -21.47 -1.18 0.78
C GLN B 67 -21.31 -2.33 -0.21
N SER B 68 -20.73 -2.04 -1.38
CA SER B 68 -20.56 -3.01 -2.45
CA SER B 68 -20.55 -3.01 -2.46
C SER B 68 -19.21 -3.72 -2.42
N VAL B 69 -18.17 -3.02 -1.95
CA VAL B 69 -16.80 -3.57 -1.97
C VAL B 69 -16.14 -3.64 -0.59
N PRO B 70 -15.27 -4.64 -0.37
CA PRO B 70 -14.56 -4.80 0.90
C PRO B 70 -13.28 -3.95 1.02
N PHE B 71 -12.78 -3.47 -0.12
CA PHE B 71 -11.51 -2.75 -0.17
C PHE B 71 -11.69 -1.22 -0.09
N PRO B 72 -10.57 -0.46 0.04
CA PRO B 72 -10.70 0.99 0.25
C PRO B 72 -11.43 1.75 -0.85
N VAL B 73 -12.23 2.72 -0.43
CA VAL B 73 -12.93 3.64 -1.30
C VAL B 73 -12.65 5.05 -0.83
N PHE B 74 -12.37 5.96 -1.77
CA PHE B 74 -12.32 7.38 -1.45
C PHE B 74 -12.95 8.20 -2.57
N GLY B 75 -13.20 9.47 -2.31
CA GLY B 75 -13.89 10.30 -3.28
C GLY B 75 -13.42 11.74 -3.27
N TYR B 76 -14.10 12.55 -4.06
CA TYR B 76 -13.83 13.97 -4.14
C TYR B 76 -15.14 14.72 -4.32
N ILE B 77 -15.22 15.91 -3.74
CA ILE B 77 -16.35 16.81 -4.00
C ILE B 77 -16.05 17.65 -5.24
N ASP B 78 -17.08 18.18 -5.88
CA ASP B 78 -16.94 18.85 -7.17
C ASP B 78 -15.99 20.05 -7.15
N SER B 79 -15.91 20.72 -6.01
CA SER B 79 -15.04 21.87 -5.87
C SER B 79 -13.57 21.50 -5.66
N GLU B 80 -13.29 20.22 -5.43
CA GLU B 80 -11.92 19.71 -5.31
C GLU B 80 -11.35 19.29 -6.65
N ASN B 81 -10.04 19.44 -6.84
CA ASN B 81 -9.36 18.88 -7.99
C ASN B 81 -9.22 17.35 -7.83
N PRO B 82 -9.85 16.56 -8.72
CA PRO B 82 -9.82 15.11 -8.54
C PRO B 82 -8.42 14.52 -8.69
N TRP B 83 -7.60 15.10 -9.56
CA TRP B 83 -6.26 14.57 -9.81
C TRP B 83 -5.38 14.76 -8.59
N GLN B 84 -5.49 15.93 -7.96
CA GLN B 84 -4.82 16.22 -6.70
CA GLN B 84 -4.80 16.18 -6.70
C GLN B 84 -5.29 15.25 -5.60
N LYS B 85 -6.59 15.00 -5.56
CA LYS B 85 -7.18 14.11 -4.55
C LYS B 85 -6.64 12.70 -4.72
N ILE B 86 -6.59 12.22 -5.97
CA ILE B 86 -6.04 10.90 -6.26
C ILE B 86 -4.57 10.83 -5.80
N ALA B 87 -3.78 11.81 -6.23
CA ALA B 87 -2.35 11.84 -5.91
C ALA B 87 -2.10 11.86 -4.40
N SER B 88 -2.98 12.54 -3.66
CA SER B 88 -2.82 12.68 -2.20
C SER B 88 -3.16 11.41 -1.43
N ASN B 89 -3.91 10.51 -2.03
CA ASN B 89 -4.46 9.34 -1.33
CA ASN B 89 -4.43 9.35 -1.31
C ASN B 89 -3.86 8.00 -1.73
N LEU B 90 -3.36 7.91 -2.96
CA LEU B 90 -2.76 6.67 -3.45
C LEU B 90 -1.34 6.52 -2.93
N PRO B 91 -0.82 5.28 -2.92
CA PRO B 91 0.58 5.09 -2.56
C PRO B 91 1.53 5.81 -3.51
N SER B 92 2.75 6.07 -3.05
CA SER B 92 3.72 6.80 -3.88
CA SER B 92 3.75 6.82 -3.82
C SER B 92 4.87 5.94 -4.35
N PHE B 93 4.75 4.61 -4.17
CA PHE B 93 5.72 3.67 -4.72
C PHE B 93 5.76 3.82 -6.24
N SER B 94 6.95 3.69 -6.81
CA SER B 94 7.13 3.94 -8.24
C SER B 94 6.27 3.01 -9.10
N VAL B 95 5.67 3.59 -10.13
CA VAL B 95 4.85 2.84 -11.09
C VAL B 95 5.39 3.14 -12.47
N SER B 96 5.95 2.11 -13.11
CA SER B 96 6.60 2.27 -14.42
CA SER B 96 6.60 2.26 -14.42
C SER B 96 5.71 1.85 -15.58
N LYS B 97 4.80 0.91 -15.33
CA LYS B 97 3.93 0.38 -16.37
C LYS B 97 2.50 0.29 -15.83
N VAL B 98 1.58 0.95 -16.54
CA VAL B 98 0.18 1.01 -16.16
C VAL B 98 -0.69 0.51 -17.30
N LEU B 99 -1.62 -0.39 -17.00
CA LEU B 99 -2.62 -0.81 -17.98
C LEU B 99 -3.87 0.03 -17.79
N ALA B 100 -4.51 0.41 -18.88
CA ALA B 100 -5.75 1.19 -18.80
C ALA B 100 -6.71 0.83 -19.92
N GLU B 101 -7.94 1.32 -19.83
CA GLU B 101 -8.95 0.99 -20.83
C GLU B 101 -8.97 2.06 -21.92
N PHE B 102 -8.09 1.87 -22.91
CA PHE B 102 -7.91 2.82 -24.00
C PHE B 102 -9.17 3.00 -24.86
N ASP B 103 -10.06 2.00 -24.90
CA ASP B 103 -11.31 2.13 -25.65
C ASP B 103 -12.37 2.93 -24.89
N ASN B 104 -12.13 3.17 -23.61
CA ASN B 104 -13.08 3.91 -22.78
C ASN B 104 -12.58 5.28 -22.37
N LEU B 105 -11.32 5.36 -21.92
CA LEU B 105 -10.75 6.63 -21.45
C LEU B 105 -10.74 7.66 -22.55
N ASN B 106 -11.32 8.83 -22.30
CA ASN B 106 -11.11 9.95 -23.21
C ASN B 106 -9.74 10.59 -22.97
N VAL B 107 -9.29 11.41 -23.90
CA VAL B 107 -7.94 11.98 -23.81
C VAL B 107 -7.81 12.90 -22.60
N THR B 108 -8.85 13.67 -22.30
CA THR B 108 -8.86 14.51 -21.09
C THR B 108 -8.56 13.72 -19.83
N LYS B 109 -9.29 12.61 -19.64
CA LYS B 109 -9.09 11.76 -18.46
CA LYS B 109 -9.09 11.74 -18.48
C LYS B 109 -7.72 11.08 -18.50
N PHE B 110 -7.28 10.65 -19.69
CA PHE B 110 -5.97 10.06 -19.87
C PHE B 110 -4.87 11.04 -19.45
N GLN B 111 -4.98 12.28 -19.92
CA GLN B 111 -3.98 13.29 -19.56
C GLN B 111 -4.04 13.64 -18.08
N GLY B 112 -5.23 13.56 -17.49
CA GLY B 112 -5.40 13.73 -16.04
C GLY B 112 -4.64 12.67 -15.28
N LEU B 113 -4.83 11.41 -15.69
CA LEU B 113 -4.11 10.28 -15.08
C LEU B 113 -2.61 10.45 -15.23
N GLN B 114 -2.20 11.01 -16.36
CA GLN B 114 -0.78 11.27 -16.62
C GLN B 114 -0.19 12.40 -15.78
N THR B 115 -1.03 13.17 -15.08
CA THR B 115 -0.51 14.16 -14.12
C THR B 115 -0.26 13.51 -12.76
N VAL B 116 -0.86 12.33 -12.55
CA VAL B 116 -0.71 11.57 -11.32
C VAL B 116 0.38 10.52 -11.48
N PHE B 117 0.33 9.78 -12.59
CA PHE B 117 1.24 8.68 -12.87
C PHE B 117 2.22 9.06 -13.98
N ASP B 118 3.52 8.95 -13.68
CA ASP B 118 4.55 9.26 -14.66
C ASP B 118 4.99 8.05 -15.49
N GLY B 119 4.36 6.89 -15.25
CA GLY B 119 4.73 5.66 -15.94
C GLY B 119 4.20 5.57 -17.36
N HIS B 120 4.57 4.49 -18.05
CA HIS B 120 4.08 4.27 -19.41
C HIS B 120 2.74 3.54 -19.40
N PHE B 121 1.77 4.10 -20.11
CA PHE B 121 0.44 3.53 -20.21
C PHE B 121 0.27 2.70 -21.48
N GLU B 122 -0.40 1.56 -21.33
CA GLU B 122 -0.84 0.78 -22.49
C GLU B 122 -2.23 0.21 -22.24
N ASN B 123 -2.89 -0.23 -23.32
CA ASN B 123 -4.22 -0.80 -23.21
C ASN B 123 -4.20 -2.11 -22.44
N LEU B 124 -5.35 -2.48 -21.88
CA LEU B 124 -5.52 -3.77 -21.23
C LEU B 124 -5.01 -4.90 -22.09
N THR B 125 -4.42 -5.89 -21.43
CA THR B 125 -4.01 -7.13 -22.08
C THR B 125 -5.24 -7.96 -22.49
N PRO B 126 -5.08 -8.80 -23.52
CA PRO B 126 -6.15 -9.69 -23.95
C PRO B 126 -6.71 -10.52 -22.79
N TYR B 127 -5.84 -10.95 -21.87
CA TYR B 127 -6.29 -11.73 -20.73
C TYR B 127 -7.36 -11.00 -19.93
N ILE B 128 -7.12 -9.71 -19.66
CA ILE B 128 -8.07 -8.90 -18.91
C ILE B 128 -9.32 -8.64 -19.75
N GLN B 129 -9.10 -8.28 -21.02
CA GLN B 129 -10.20 -8.02 -21.97
C GLN B 129 -11.18 -9.19 -22.08
N ASN B 130 -10.64 -10.41 -22.06
CA ASN B 130 -11.41 -11.60 -22.41
C ASN B 130 -11.85 -12.45 -21.22
N MSE B 131 -11.80 -11.86 -20.02
CA MSE B 131 -12.30 -12.50 -18.80
C MSE B 131 -13.81 -12.66 -18.88
O MSE B 131 -14.57 -11.69 -18.75
CB MSE B 131 -11.96 -11.68 -17.57
CG MSE B 131 -10.48 -11.49 -17.33
SE MSE B 131 -10.16 -10.47 -15.70
CE MSE B 131 -10.70 -11.84 -14.44
N ARG B 132 -14.26 -13.90 -19.12
CA ARG B 132 -15.69 -14.23 -19.23
C ARG B 132 -15.90 -15.72 -19.03
#